data_3K2K
#
_entry.id   3K2K
#
_cell.length_a   162.375
_cell.length_b   162.375
_cell.length_c   148.397
_cell.angle_alpha   90.000
_cell.angle_beta   90.000
_cell.angle_gamma   90.000
#
_symmetry.space_group_name_H-M   'I 41 2 2'
#
loop_
_entity.id
_entity.type
_entity.pdbx_description
1 polymer 'putative carboxypeptidase'
2 non-polymer 'CHLORIDE ION'
3 non-polymer GLYCEROL
4 water water
#
_entity_poly.entity_id   1
_entity_poly.type   'polypeptide(L)'
_entity_poly.pdbx_seq_one_letter_code
;(MSE)GSDKIHHHHHHENLYFQG(MSE)TLSITSNFDAGAIDVVSCERADAIRLRVRGDNRSEFAQWFYFRLTGARGERC
V(MSE)TFENANDCAYPAGWRDYRAVASYDRVNWFRVPTSYDGQ(MSE)LTIDHTPEFDSIHYAYFEPYSEERHSEFLGA
VQQ(MSE)PQASVVELGRTVEGRP(MSE)SLVVLGTPDEAGAAKKKVWIIARQHPGES(MSE)AEWFIEGLVKRLVGWGD
WSGDPVARKLYDHATFYIVPN(MSE)NPDGSVHGNLRTNAAGANLNREW(MSE)EPDAERSPEVLVVRDAIHAIGCDLFF
DIHGDEDLPYVFAAGSE(MSE)LPGFTEQQRVEQSAFIDSFKRASPDFQDEHGYPPGKYREDAFKLASKYIGHRFGCLSL
TLE(MSE)PFKDNANLPDEHIGWNGARSASLGAA(MSE)LGAILEHVRAFA
;
_entity_poly.pdbx_strand_id   A
#
loop_
_chem_comp.id
_chem_comp.type
_chem_comp.name
_chem_comp.formula
CL non-polymer 'CHLORIDE ION' 'Cl -1'
GOL non-polymer GLYCEROL 'C3 H8 O3'
#
# COMPACT_ATOMS: atom_id res chain seq x y z
N HIS A 12 28.75 -13.32 -26.22
CA HIS A 12 27.32 -13.24 -26.62
C HIS A 12 27.14 -13.83 -28.07
N GLU A 13 28.28 -14.21 -28.68
CA GLU A 13 28.46 -14.90 -30.03
C GLU A 13 28.54 -13.96 -31.29
N ASN A 14 27.98 -12.74 -31.16
CA ASN A 14 28.03 -11.71 -32.21
C ASN A 14 28.86 -10.58 -31.73
N LEU A 15 29.93 -10.29 -32.46
CA LEU A 15 30.86 -9.24 -32.10
C LEU A 15 30.11 -7.99 -31.60
N TYR A 16 28.96 -7.70 -32.18
CA TYR A 16 28.20 -6.49 -31.87
C TYR A 16 27.70 -6.47 -30.47
N PHE A 17 27.27 -7.61 -29.95
CA PHE A 17 26.72 -7.64 -28.59
C PHE A 17 27.81 -7.72 -27.54
N GLN A 18 28.99 -8.14 -27.97
CA GLN A 18 30.10 -8.34 -27.07
C GLN A 18 30.44 -7.03 -26.36
N GLY A 19 31.14 -7.17 -25.23
CA GLY A 19 31.34 -6.04 -24.30
C GLY A 19 30.15 -5.90 -23.32
N MSE A 20 30.27 -4.93 -22.41
CA MSE A 20 29.24 -4.65 -21.42
C MSE A 20 28.58 -3.30 -21.74
O MSE A 20 29.29 -2.29 -21.91
CB MSE A 20 29.89 -4.65 -20.03
CG MSE A 20 28.96 -4.44 -18.83
SE MSE A 20 30.01 -3.96 -17.24
CE MSE A 20 30.89 -2.31 -17.78
N THR A 21 27.25 -3.27 -21.89
CA THR A 21 26.52 -2.01 -22.14
C THR A 21 25.34 -1.90 -21.20
N LEU A 22 25.56 -1.27 -20.06
CA LEU A 22 24.53 -1.14 -19.04
C LEU A 22 23.58 0.00 -19.36
N SER A 23 22.28 -0.20 -19.18
CA SER A 23 21.30 0.84 -19.42
C SER A 23 20.26 0.76 -18.32
N ILE A 24 19.97 1.90 -17.69
CA ILE A 24 18.90 2.01 -16.69
C ILE A 24 17.81 2.86 -17.31
N THR A 25 16.58 2.35 -17.25
CA THR A 25 15.42 3.02 -17.82
C THR A 25 14.29 2.96 -16.79
N SER A 26 13.32 3.86 -16.92
CA SER A 26 12.26 3.95 -15.92
C SER A 26 11.01 4.63 -16.38
N ASN A 27 10.81 4.72 -17.70
CA ASN A 27 9.61 5.29 -18.25
C ASN A 27 8.51 4.18 -18.36
N PHE A 28 7.88 3.85 -17.23
CA PHE A 28 6.78 2.91 -17.20
C PHE A 28 6.01 3.13 -15.90
N ASP A 29 4.84 2.54 -15.78
CA ASP A 29 3.99 2.70 -14.60
C ASP A 29 4.79 2.51 -13.31
N ALA A 30 4.84 3.58 -12.52
CA ALA A 30 5.48 3.63 -11.21
C ALA A 30 7.01 3.77 -11.28
N GLY A 31 7.58 3.97 -12.45
CA GLY A 31 9.00 4.07 -12.57
C GLY A 31 9.52 5.35 -11.95
N ALA A 32 10.70 5.25 -11.30
CA ALA A 32 11.33 6.42 -10.66
C ALA A 32 12.78 6.16 -10.32
N ILE A 33 13.69 6.89 -10.95
CA ILE A 33 15.10 6.87 -10.57
C ILE A 33 15.82 8.04 -11.24
N ASP A 34 16.86 8.56 -10.61
CA ASP A 34 17.79 9.46 -11.29
C ASP A 34 19.12 8.73 -11.40
N VAL A 35 19.68 8.68 -12.60
CA VAL A 35 20.94 8.00 -12.85
C VAL A 35 22.09 9.01 -12.88
N VAL A 36 23.01 8.92 -11.93
CA VAL A 36 24.16 9.80 -11.91
C VAL A 36 25.22 9.19 -12.79
N SER A 37 25.38 7.89 -12.67
CA SER A 37 26.40 7.23 -13.47
C SER A 37 26.18 5.74 -13.61
N CYS A 38 26.39 5.26 -14.82
CA CYS A 38 26.12 3.89 -15.16
C CYS A 38 27.04 3.31 -16.25
N GLU A 39 28.36 3.38 -16.07
CA GLU A 39 29.29 2.87 -17.08
C GLU A 39 29.80 1.49 -16.65
N ARG A 40 30.45 1.40 -15.47
CA ARG A 40 31.01 0.14 -14.92
C ARG A 40 29.94 -0.43 -13.93
N ALA A 41 29.75 -1.74 -13.97
CA ALA A 41 28.72 -2.38 -13.16
C ALA A 41 28.95 -2.28 -11.65
N ASP A 42 30.23 -2.25 -11.26
CA ASP A 42 30.58 -2.08 -9.85
C ASP A 42 30.63 -0.61 -9.39
N ALA A 43 30.14 0.30 -10.21
CA ALA A 43 30.18 1.72 -9.91
C ALA A 43 28.91 2.41 -10.38
N ILE A 44 27.76 1.79 -10.19
CA ILE A 44 26.52 2.43 -10.63
C ILE A 44 26.10 3.39 -9.53
N ARG A 45 25.89 4.65 -9.92
CA ARG A 45 25.47 5.73 -9.02
C ARG A 45 24.12 6.26 -9.35
N LEU A 46 23.26 6.26 -8.35
CA LEU A 46 21.86 6.62 -8.50
C LEU A 46 21.41 7.64 -7.42
N ARG A 47 20.23 8.20 -7.63
CA ARG A 47 19.52 8.98 -6.64
C ARG A 47 18.05 8.62 -6.67
N VAL A 48 17.42 8.57 -5.50
CA VAL A 48 15.96 8.45 -5.46
C VAL A 48 15.43 9.74 -6.11
N ARG A 49 14.54 9.63 -7.06
CA ARG A 49 14.07 10.76 -7.83
C ARG A 49 13.16 11.70 -7.01
N GLY A 50 12.30 11.11 -6.19
CA GLY A 50 11.38 11.87 -5.35
C GLY A 50 10.09 12.17 -6.07
N ASP A 51 9.07 12.58 -5.31
CA ASP A 51 7.69 12.78 -5.84
C ASP A 51 7.63 13.94 -6.83
N ASN A 52 6.67 13.88 -7.76
CA ASN A 52 6.67 14.82 -8.86
C ASN A 52 6.45 16.27 -8.47
N ARG A 53 5.64 16.55 -7.45
CA ARG A 53 5.49 17.94 -6.98
C ARG A 53 5.57 18.08 -5.47
N SER A 54 6.55 17.44 -4.86
CA SER A 54 6.70 17.49 -3.42
C SER A 54 8.12 17.12 -3.07
N GLU A 55 8.64 17.66 -1.98
CA GLU A 55 10.02 17.36 -1.59
C GLU A 55 10.12 15.87 -1.11
N PHE A 56 9.02 15.18 -0.79
CA PHE A 56 9.09 13.80 -0.34
C PHE A 56 9.76 12.92 -1.40
N ALA A 57 10.67 12.04 -0.94
CA ALA A 57 11.44 11.12 -1.79
C ALA A 57 11.75 9.81 -1.03
N GLN A 58 11.40 8.68 -1.63
CA GLN A 58 11.75 7.36 -1.09
C GLN A 58 11.54 6.25 -2.13
N TRP A 59 10.44 6.33 -2.89
CA TRP A 59 10.11 5.29 -3.85
C TRP A 59 11.09 5.27 -5.01
N PHE A 60 11.50 4.06 -5.40
CA PHE A 60 12.27 3.85 -6.62
C PHE A 60 11.77 2.59 -7.35
N TYR A 61 12.00 2.55 -8.67
CA TYR A 61 11.58 1.44 -9.53
C TYR A 61 12.24 1.68 -10.89
N PHE A 62 13.10 0.78 -11.32
CA PHE A 62 13.82 0.95 -12.59
C PHE A 62 14.25 -0.38 -13.22
N ARG A 63 14.53 -0.37 -14.51
CA ARG A 63 15.02 -1.55 -15.24
C ARG A 63 16.49 -1.38 -15.53
N LEU A 64 17.23 -2.45 -15.34
CA LEU A 64 18.67 -2.49 -15.63
C LEU A 64 18.86 -3.59 -16.64
N THR A 65 19.46 -3.28 -17.78
CA THR A 65 19.73 -4.31 -18.74
C THR A 65 21.20 -4.36 -19.02
N GLY A 66 21.62 -5.48 -19.59
CA GLY A 66 22.99 -5.63 -20.07
C GLY A 66 23.98 -6.14 -19.04
N ALA A 67 23.49 -6.48 -17.84
CA ALA A 67 24.32 -6.88 -16.71
C ALA A 67 24.25 -8.38 -16.36
N ARG A 68 23.77 -9.22 -17.26
CA ARG A 68 23.75 -10.65 -16.99
C ARG A 68 25.12 -11.13 -16.51
N GLY A 69 25.17 -11.74 -15.34
CA GLY A 69 26.38 -12.28 -14.81
C GLY A 69 27.40 -11.26 -14.29
N GLU A 70 27.09 -9.98 -14.29
CA GLU A 70 27.99 -8.98 -13.75
C GLU A 70 27.57 -8.62 -12.36
N ARG A 71 28.54 -8.49 -11.45
CA ARG A 71 28.26 -8.02 -10.10
C ARG A 71 28.00 -6.52 -10.16
N CYS A 72 26.82 -6.13 -9.73
CA CYS A 72 26.39 -4.74 -9.77
C CYS A 72 26.37 -4.21 -8.38
N VAL A 73 27.08 -3.09 -8.20
CA VAL A 73 27.09 -2.38 -6.95
C VAL A 73 26.46 -1.06 -7.29
N MSE A 74 25.26 -0.85 -6.74
CA MSE A 74 24.41 0.29 -7.04
C MSE A 74 24.23 1.10 -5.79
O MSE A 74 23.63 0.63 -4.80
CB MSE A 74 23.04 -0.20 -7.52
CG MSE A 74 23.06 -0.83 -8.89
SE MSE A 74 21.39 -1.79 -9.34
CE MSE A 74 21.71 -3.43 -8.30
N THR A 75 24.73 2.33 -5.82
CA THR A 75 24.74 3.21 -4.67
C THR A 75 23.78 4.37 -4.85
N PHE A 76 22.87 4.55 -3.89
CA PHE A 76 21.93 5.67 -3.87
C PHE A 76 22.54 6.75 -2.98
N GLU A 77 22.99 7.85 -3.58
CA GLU A 77 23.78 8.89 -2.90
C GLU A 77 23.03 9.73 -1.86
N ASN A 78 21.76 10.01 -2.16
CA ASN A 78 20.87 10.80 -1.30
C ASN A 78 19.98 9.97 -0.36
N ALA A 79 20.35 8.72 -0.07
CA ALA A 79 19.51 7.87 0.79
C ALA A 79 19.16 8.55 2.12
N ASN A 80 20.15 9.14 2.79
CA ASN A 80 19.88 9.83 4.05
C ASN A 80 19.08 11.14 3.93
N ASP A 81 18.92 11.68 2.73
CA ASP A 81 18.06 12.84 2.46
C ASP A 81 16.60 12.46 2.16
N CYS A 82 16.26 11.18 2.18
CA CYS A 82 14.89 10.75 1.87
C CYS A 82 13.90 10.98 2.98
N ALA A 83 12.63 10.78 2.69
CA ALA A 83 11.59 10.95 3.67
C ALA A 83 11.85 10.13 4.94
N TYR A 84 12.19 8.85 4.82
CA TYR A 84 12.37 8.04 6.05
C TYR A 84 13.68 7.26 6.04
N PRO A 85 14.77 7.94 6.40
CA PRO A 85 16.08 7.27 6.36
C PRO A 85 16.21 6.02 7.24
N ALA A 86 15.43 5.96 8.33
CA ALA A 86 15.34 4.76 9.16
C ALA A 86 14.78 3.58 8.34
N GLY A 87 14.03 3.89 7.29
CA GLY A 87 13.50 2.85 6.41
C GLY A 87 14.56 2.04 5.68
N TRP A 88 15.79 2.56 5.62
CA TRP A 88 16.91 1.88 4.95
C TRP A 88 17.65 0.94 5.90
N ARG A 89 17.38 1.02 7.20
CA ARG A 89 18.03 0.11 8.14
C ARG A 89 17.32 -1.21 8.15
N ASP A 90 18.11 -2.28 8.03
CA ASP A 90 17.60 -3.66 7.91
C ASP A 90 16.59 -3.80 6.79
N TYR A 91 16.84 -3.12 5.69
CA TYR A 91 15.97 -3.13 4.54
C TYR A 91 16.70 -3.80 3.38
N ARG A 92 15.94 -4.57 2.60
CA ARG A 92 16.44 -5.14 1.38
C ARG A 92 15.55 -4.77 0.22
N ALA A 93 16.19 -4.33 -0.87
CA ALA A 93 15.48 -3.99 -2.09
C ALA A 93 14.84 -5.27 -2.66
N VAL A 94 13.81 -5.07 -3.49
CA VAL A 94 13.18 -6.18 -4.19
C VAL A 94 13.57 -6.12 -5.68
N ALA A 95 13.64 -7.29 -6.33
CA ALA A 95 14.00 -7.41 -7.74
C ALA A 95 13.11 -8.43 -8.45
N SER A 96 13.06 -8.32 -9.77
CA SER A 96 12.29 -9.25 -10.57
C SER A 96 12.79 -9.23 -11.99
N TYR A 97 12.95 -10.44 -12.56
CA TYR A 97 13.35 -10.60 -13.95
C TYR A 97 12.15 -10.39 -14.91
N ASP A 98 10.94 -10.47 -14.38
CA ASP A 98 9.74 -10.46 -15.24
C ASP A 98 8.55 -9.62 -14.78
N ARG A 99 8.70 -8.87 -13.69
CA ARG A 99 7.63 -8.08 -13.09
C ARG A 99 6.51 -8.92 -12.46
N VAL A 100 6.65 -10.24 -12.49
CA VAL A 100 5.65 -11.15 -11.95
C VAL A 100 6.15 -11.73 -10.63
N ASN A 101 7.40 -12.20 -10.61
CA ASN A 101 7.99 -12.76 -9.41
C ASN A 101 9.10 -11.88 -8.82
N TRP A 102 8.90 -11.49 -7.55
CA TRP A 102 9.77 -10.55 -6.88
C TRP A 102 10.50 -11.17 -5.72
N PHE A 103 11.77 -10.86 -5.57
CA PHE A 103 12.56 -11.41 -4.49
C PHE A 103 13.47 -10.34 -3.93
N ARG A 104 13.95 -10.56 -2.72
CA ARG A 104 14.77 -9.57 -2.04
C ARG A 104 16.20 -9.78 -2.43
N VAL A 105 16.98 -8.70 -2.47
CA VAL A 105 18.38 -8.78 -2.86
C VAL A 105 19.28 -8.16 -1.78
N PRO A 106 20.57 -8.48 -1.82
CA PRO A 106 21.45 -7.97 -0.74
C PRO A 106 21.61 -6.47 -0.81
N THR A 107 21.40 -5.85 0.34
CA THR A 107 21.32 -4.40 0.46
C THR A 107 21.93 -3.97 1.79
N SER A 108 22.67 -2.84 1.77
CA SER A 108 23.23 -2.29 3.00
C SER A 108 23.09 -0.76 3.05
N TYR A 109 23.21 -0.25 4.27
CA TYR A 109 23.02 1.16 4.53
C TYR A 109 24.03 1.54 5.59
N ASP A 110 24.81 2.57 5.33
CA ASP A 110 25.86 3.01 6.27
C ASP A 110 25.49 4.31 7.00
N GLY A 111 24.23 4.74 6.93
CA GLY A 111 23.80 5.99 7.53
C GLY A 111 23.82 7.18 6.57
N GLN A 112 24.49 7.02 5.44
CA GLN A 112 24.52 8.02 4.37
C GLN A 112 23.89 7.51 3.06
N MSE A 113 24.35 6.32 2.63
CA MSE A 113 23.98 5.76 1.34
C MSE A 113 23.50 4.33 1.41
O MSE A 113 23.98 3.54 2.21
CB MSE A 113 25.18 5.83 0.40
CG MSE A 113 25.77 7.20 0.38
SE MSE A 113 27.02 7.62 -1.05
CE MSE A 113 27.46 9.50 -0.47
N LEU A 114 22.56 4.01 0.53
CA LEU A 114 22.05 2.67 0.37
C LEU A 114 22.84 2.00 -0.75
N THR A 115 23.26 0.76 -0.58
CA THR A 115 23.95 0.01 -1.64
C THR A 115 23.30 -1.33 -1.93
N ILE A 116 22.91 -1.56 -3.18
CA ILE A 116 22.42 -2.87 -3.58
C ILE A 116 23.61 -3.58 -4.20
N ASP A 117 23.90 -4.79 -3.75
CA ASP A 117 25.02 -5.57 -4.26
C ASP A 117 24.42 -6.86 -4.73
N HIS A 118 24.29 -6.98 -6.05
CA HIS A 118 23.57 -8.10 -6.67
C HIS A 118 24.12 -8.44 -8.07
N THR A 119 24.08 -9.72 -8.40
CA THR A 119 24.53 -10.21 -9.71
C THR A 119 23.34 -10.75 -10.49
N PRO A 120 22.79 -9.97 -11.43
CA PRO A 120 21.63 -10.45 -12.16
C PRO A 120 21.94 -11.72 -12.91
N GLU A 121 21.00 -12.63 -12.94
CA GLU A 121 21.18 -13.89 -13.63
C GLU A 121 20.75 -13.79 -15.11
N PHE A 122 20.04 -12.73 -15.47
CA PHE A 122 19.57 -12.58 -16.83
C PHE A 122 19.84 -11.18 -17.38
N ASP A 123 19.46 -10.96 -18.63
CA ASP A 123 19.84 -9.75 -19.36
C ASP A 123 19.07 -8.53 -18.92
N SER A 124 17.89 -8.73 -18.37
CA SER A 124 17.05 -7.60 -17.94
C SER A 124 16.41 -7.90 -16.60
N ILE A 125 16.58 -6.99 -15.64
CA ILE A 125 16.06 -7.11 -14.28
C ILE A 125 15.48 -5.77 -13.84
N HIS A 126 14.45 -5.79 -13.00
CA HIS A 126 13.92 -4.57 -12.43
C HIS A 126 14.21 -4.57 -10.91
N TYR A 127 14.49 -3.39 -10.35
CA TYR A 127 14.64 -3.20 -8.90
C TYR A 127 13.58 -2.19 -8.43
N ALA A 128 13.03 -2.42 -7.23
CA ALA A 128 11.96 -1.56 -6.72
C ALA A 128 12.00 -1.53 -5.18
N TYR A 129 11.39 -0.51 -4.61
CA TYR A 129 11.35 -0.34 -3.16
C TYR A 129 10.42 -1.40 -2.54
N PHE A 130 9.40 -1.82 -3.29
CA PHE A 130 8.46 -2.85 -2.86
C PHE A 130 7.75 -3.43 -4.08
N GLU A 131 7.20 -4.63 -3.94
CA GLU A 131 6.47 -5.26 -5.05
C GLU A 131 5.37 -4.33 -5.60
N PRO A 132 5.53 -3.85 -6.82
CA PRO A 132 4.55 -2.89 -7.35
C PRO A 132 3.18 -3.50 -7.61
N TYR A 133 2.22 -2.63 -7.92
CA TYR A 133 0.88 -3.03 -8.24
C TYR A 133 0.46 -1.99 -9.28
N SER A 134 0.32 -2.42 -10.52
CA SER A 134 0.14 -1.53 -11.66
C SER A 134 -1.30 -1.16 -11.97
N GLU A 135 -1.45 -0.13 -12.77
CA GLU A 135 -2.76 0.28 -13.28
C GLU A 135 -3.36 -0.86 -14.11
N GLU A 136 -2.56 -1.59 -14.88
CA GLU A 136 -3.12 -2.72 -15.67
C GLU A 136 -3.67 -3.79 -14.73
N ARG A 137 -2.94 -4.10 -13.67
CA ARG A 137 -3.43 -5.11 -12.76
C ARG A 137 -4.79 -4.69 -12.14
N HIS A 138 -4.85 -3.43 -11.79
CA HIS A 138 -6.02 -2.84 -11.16
C HIS A 138 -7.19 -2.92 -12.10
N SER A 139 -6.98 -2.51 -13.35
CA SER A 139 -8.08 -2.49 -14.31
C SER A 139 -8.55 -3.88 -14.71
N GLU A 140 -7.62 -4.83 -14.75
CA GLU A 140 -7.99 -6.22 -15.01
C GLU A 140 -8.74 -6.85 -13.84
N PHE A 141 -8.31 -6.51 -12.64
CA PHE A 141 -8.90 -7.08 -11.45
C PHE A 141 -10.34 -6.58 -11.29
N LEU A 142 -10.52 -5.26 -11.28
CA LEU A 142 -11.86 -4.71 -11.11
C LEU A 142 -12.72 -5.09 -12.30
N GLY A 143 -12.12 -5.22 -13.47
CA GLY A 143 -12.91 -5.61 -14.66
C GLY A 143 -13.44 -7.03 -14.58
N ALA A 144 -12.73 -7.91 -13.84
CA ALA A 144 -13.24 -9.28 -13.53
C ALA A 144 -14.21 -9.27 -12.31
N VAL A 145 -13.81 -8.59 -11.23
CA VAL A 145 -14.61 -8.57 -10.01
C VAL A 145 -16.04 -8.06 -10.29
N GLN A 146 -16.18 -7.05 -11.15
CA GLN A 146 -17.49 -6.49 -11.43
C GLN A 146 -18.50 -7.51 -12.00
N GLN A 147 -17.99 -8.59 -12.56
CA GLN A 147 -18.87 -9.57 -13.17
C GLN A 147 -19.48 -10.52 -12.14
N MSE A 148 -18.98 -10.52 -10.91
CA MSE A 148 -19.54 -11.33 -9.87
C MSE A 148 -20.89 -10.78 -9.45
O MSE A 148 -21.11 -9.57 -9.43
CB MSE A 148 -18.62 -11.38 -8.67
CG MSE A 148 -17.22 -11.95 -8.95
SE MSE A 148 -17.41 -13.70 -9.85
CE MSE A 148 -16.63 -13.13 -11.58
N PRO A 149 -21.82 -11.68 -9.12
CA PRO A 149 -23.17 -11.26 -8.75
C PRO A 149 -23.22 -10.40 -7.49
N GLN A 150 -22.30 -10.55 -6.57
CA GLN A 150 -22.37 -9.67 -5.42
C GLN A 150 -21.57 -8.36 -5.52
N ALA A 151 -21.00 -8.05 -6.69
CA ALA A 151 -20.14 -6.88 -6.84
C ALA A 151 -20.61 -5.86 -7.85
N SER A 152 -20.42 -4.57 -7.54
CA SER A 152 -20.58 -3.49 -8.52
C SER A 152 -19.36 -2.61 -8.40
N VAL A 153 -19.04 -1.92 -9.47
CA VAL A 153 -17.97 -0.96 -9.48
C VAL A 153 -18.60 0.39 -9.84
N VAL A 154 -18.32 1.44 -9.08
CA VAL A 154 -18.90 2.76 -9.30
C VAL A 154 -17.76 3.74 -9.42
N GLU A 155 -17.82 4.63 -10.41
CA GLU A 155 -16.79 5.65 -10.59
C GLU A 155 -17.29 6.92 -9.94
N LEU A 156 -16.70 7.25 -8.79
CA LEU A 156 -17.07 8.38 -7.96
C LEU A 156 -16.62 9.73 -8.52
N GLY A 157 -15.59 9.73 -9.37
CA GLY A 157 -14.99 10.94 -9.88
C GLY A 157 -13.65 10.69 -10.56
N ARG A 158 -12.92 11.78 -10.83
CA ARG A 158 -11.65 11.68 -11.51
CA ARG A 158 -11.63 11.72 -11.52
C ARG A 158 -10.52 12.28 -10.68
N THR A 159 -9.33 11.74 -10.85
CA THR A 159 -8.16 12.25 -10.16
C THR A 159 -7.75 13.51 -10.92
N VAL A 160 -6.74 14.22 -10.40
CA VAL A 160 -6.21 15.41 -11.04
C VAL A 160 -5.92 15.13 -12.52
N GLU A 161 -5.36 13.96 -12.85
CA GLU A 161 -4.96 13.70 -14.23
C GLU A 161 -5.99 12.88 -15.03
N GLY A 162 -7.24 12.82 -14.57
CA GLY A 162 -8.31 12.13 -15.29
C GLY A 162 -8.36 10.61 -15.18
N ARG A 163 -7.81 10.03 -14.13
CA ARG A 163 -7.94 8.60 -13.89
C ARG A 163 -9.20 8.43 -13.02
N PRO A 164 -9.94 7.32 -13.19
CA PRO A 164 -11.11 7.14 -12.35
C PRO A 164 -10.81 6.85 -10.87
N MSE A 165 -11.68 7.35 -10.00
CA MSE A 165 -11.72 6.97 -8.60
C MSE A 165 -12.82 5.91 -8.53
O MSE A 165 -14.02 6.22 -8.67
CB MSE A 165 -12.08 8.17 -7.74
CG MSE A 165 -10.96 9.22 -7.68
SE MSE A 165 -9.34 8.53 -6.84
CE MSE A 165 -9.97 8.17 -5.00
N SER A 166 -12.41 4.65 -8.36
CA SER A 166 -13.33 3.54 -8.43
C SER A 166 -13.62 2.94 -7.08
N LEU A 167 -14.94 2.77 -6.84
CA LEU A 167 -15.47 2.17 -5.62
C LEU A 167 -15.99 0.78 -5.95
N VAL A 168 -15.61 -0.21 -5.15
CA VAL A 168 -16.13 -1.53 -5.34
C VAL A 168 -17.14 -1.76 -4.22
N VAL A 169 -18.38 -2.06 -4.58
CA VAL A 169 -19.45 -2.29 -3.59
C VAL A 169 -19.80 -3.77 -3.59
N LEU A 170 -19.61 -4.43 -2.44
CA LEU A 170 -19.91 -5.86 -2.32
C LEU A 170 -20.93 -6.16 -1.24
N GLY A 171 -22.01 -6.80 -1.63
CA GLY A 171 -23.07 -7.14 -0.70
C GLY A 171 -24.19 -7.88 -1.41
N THR A 172 -25.25 -8.22 -0.67
CA THR A 172 -26.42 -8.88 -1.23
C THR A 172 -27.66 -8.02 -0.97
N PRO A 173 -28.73 -8.27 -1.76
CA PRO A 173 -30.05 -7.56 -1.63
C PRO A 173 -30.74 -7.58 -0.26
N ASP A 174 -31.43 -6.48 0.07
CA ASP A 174 -32.21 -6.38 1.32
C ASP A 174 -33.63 -6.83 1.12
N ALA A 179 -31.58 -2.95 7.85
CA ALA A 179 -30.38 -2.58 7.12
C ALA A 179 -29.11 -3.16 7.81
N LYS A 180 -28.04 -3.18 7.02
CA LYS A 180 -26.77 -3.80 7.33
C LYS A 180 -25.72 -2.76 7.73
N LYS A 181 -24.68 -3.17 8.42
CA LYS A 181 -23.58 -2.28 8.75
C LYS A 181 -22.80 -1.88 7.49
N LYS A 182 -22.43 -0.61 7.36
CA LYS A 182 -21.70 -0.20 6.16
C LYS A 182 -20.22 -0.18 6.50
N VAL A 183 -19.46 -1.06 5.87
CA VAL A 183 -18.04 -1.18 6.15
C VAL A 183 -17.25 -0.55 5.04
N TRP A 184 -16.41 0.43 5.37
CA TRP A 184 -15.59 1.13 4.38
C TRP A 184 -14.13 0.74 4.56
N ILE A 185 -13.45 0.42 3.46
CA ILE A 185 -12.04 0.09 3.50
C ILE A 185 -11.41 0.82 2.35
N ILE A 186 -10.49 1.73 2.63
CA ILE A 186 -9.79 2.48 1.59
C ILE A 186 -8.30 2.17 1.64
N ALA A 187 -7.64 2.22 0.49
CA ALA A 187 -6.26 1.78 0.40
C ALA A 187 -5.42 2.70 -0.47
N ARG A 188 -4.15 2.81 -0.12
CA ARG A 188 -3.14 3.45 -0.98
C ARG A 188 -3.31 4.96 -1.15
N GLN A 189 -3.74 5.66 -0.10
CA GLN A 189 -3.70 7.13 -0.12
C GLN A 189 -2.25 7.61 -0.41
N HIS A 190 -1.28 6.86 0.09
CA HIS A 190 0.12 7.11 -0.23
C HIS A 190 0.52 6.14 -1.30
N PRO A 191 0.76 6.64 -2.50
CA PRO A 191 0.80 5.79 -3.70
C PRO A 191 1.90 4.77 -3.72
N GLY A 192 2.98 5.03 -2.99
CA GLY A 192 4.08 4.08 -2.91
C GLY A 192 3.83 2.85 -2.05
N GLU A 193 2.77 2.89 -1.23
CA GLU A 193 2.45 1.79 -0.32
C GLU A 193 1.61 0.76 -1.08
N SER A 194 2.22 0.14 -2.09
CA SER A 194 1.55 -0.81 -2.97
C SER A 194 1.01 -2.04 -2.21
N MSE A 195 1.63 -2.38 -1.08
CA MSE A 195 1.09 -3.41 -0.19
C MSE A 195 -0.38 -3.19 0.14
O MSE A 195 -1.09 -4.14 0.38
CB MSE A 195 1.83 -3.52 1.14
CG MSE A 195 1.80 -2.24 2.06
SE MSE A 195 3.24 -1.03 1.53
CE MSE A 195 4.74 -1.98 2.41
N ALA A 196 -0.82 -1.93 0.19
CA ALA A 196 -2.22 -1.63 0.53
C ALA A 196 -3.15 -2.18 -0.56
N GLU A 197 -2.76 -2.07 -1.83
CA GLU A 197 -3.64 -2.57 -2.87
C GLU A 197 -3.54 -4.10 -2.97
N TRP A 198 -2.38 -4.66 -2.66
CA TRP A 198 -2.29 -6.14 -2.56
C TRP A 198 -3.24 -6.71 -1.51
N PHE A 199 -3.27 -6.03 -0.37
CA PHE A 199 -4.14 -6.34 0.74
C PHE A 199 -5.60 -6.32 0.32
N ILE A 200 -6.00 -5.28 -0.40
CA ILE A 200 -7.38 -5.21 -0.88
C ILE A 200 -7.66 -6.35 -1.86
N GLU A 201 -6.68 -6.70 -2.70
CA GLU A 201 -6.90 -7.77 -3.69
C GLU A 201 -7.25 -9.06 -2.98
N GLY A 202 -6.47 -9.39 -1.95
CA GLY A 202 -6.75 -10.59 -1.17
C GLY A 202 -8.10 -10.56 -0.48
N LEU A 203 -8.45 -9.42 0.12
CA LEU A 203 -9.73 -9.27 0.80
C LEU A 203 -10.89 -9.46 -0.21
N VAL A 204 -10.79 -8.83 -1.38
CA VAL A 204 -11.87 -8.92 -2.38
C VAL A 204 -12.02 -10.32 -2.97
N LYS A 205 -10.89 -10.96 -3.26
CA LYS A 205 -10.94 -12.32 -3.78
C LYS A 205 -11.74 -13.22 -2.84
N ARG A 206 -11.48 -13.08 -1.55
CA ARG A 206 -12.23 -13.88 -0.62
C ARG A 206 -13.72 -13.48 -0.59
N LEU A 207 -14.02 -12.17 -0.65
CA LEU A 207 -15.42 -11.74 -0.63
C LEU A 207 -16.23 -12.25 -1.83
N VAL A 208 -15.59 -12.40 -2.99
CA VAL A 208 -16.26 -12.89 -4.20
C VAL A 208 -16.07 -14.37 -4.43
N GLY A 209 -15.42 -15.04 -3.49
CA GLY A 209 -15.23 -16.46 -3.56
C GLY A 209 -14.32 -17.03 -4.62
N TRP A 210 -13.27 -16.33 -5.00
CA TRP A 210 -12.31 -16.90 -5.96
C TRP A 210 -11.25 -17.79 -5.39
N GLY A 211 -10.82 -18.73 -6.23
CA GLY A 211 -9.72 -19.68 -5.89
C GLY A 211 -9.98 -20.57 -4.69
N ASP A 212 -9.03 -20.51 -3.75
CA ASP A 212 -9.13 -21.24 -2.47
C ASP A 212 -10.19 -20.70 -1.48
N TRP A 213 -10.89 -19.63 -1.87
CA TRP A 213 -11.99 -19.11 -1.10
C TRP A 213 -13.27 -19.58 -1.66
N SER A 214 -13.21 -20.50 -2.60
CA SER A 214 -14.44 -20.85 -3.28
C SER A 214 -15.53 -21.48 -2.37
N GLY A 215 -15.20 -22.49 -1.58
CA GLY A 215 -16.19 -23.03 -0.66
C GLY A 215 -16.30 -22.48 0.75
N ASP A 216 -15.70 -21.33 1.00
CA ASP A 216 -15.64 -20.73 2.33
C ASP A 216 -16.91 -19.95 2.64
N PRO A 217 -17.55 -20.14 3.80
CA PRO A 217 -18.80 -19.42 4.03
C PRO A 217 -18.70 -18.08 4.77
N VAL A 218 -17.50 -17.61 5.10
CA VAL A 218 -17.36 -16.32 5.83
C VAL A 218 -17.97 -15.13 5.07
N ALA A 219 -17.62 -14.95 3.82
CA ALA A 219 -18.14 -13.86 3.00
C ALA A 219 -19.66 -13.84 3.05
N ARG A 220 -20.21 -15.02 2.85
CA ARG A 220 -21.65 -15.18 2.77
C ARG A 220 -22.34 -14.79 4.09
N LYS A 221 -21.77 -15.21 5.21
CA LYS A 221 -22.25 -14.78 6.51
C LYS A 221 -22.12 -13.29 6.67
N LEU A 222 -20.98 -12.74 6.27
CA LEU A 222 -20.75 -11.31 6.36
C LEU A 222 -21.85 -10.52 5.64
N TYR A 223 -22.27 -11.01 4.47
CA TYR A 223 -23.28 -10.28 3.67
C TYR A 223 -24.66 -10.20 4.34
N ASP A 224 -24.91 -11.04 5.35
CA ASP A 224 -26.12 -10.91 6.16
C ASP A 224 -26.03 -9.75 7.12
N HIS A 225 -24.83 -9.35 7.48
CA HIS A 225 -24.63 -8.30 8.45
C HIS A 225 -24.13 -6.99 7.83
N ALA A 226 -23.44 -7.03 6.70
CA ALA A 226 -22.74 -5.86 6.20
C ALA A 226 -22.74 -5.75 4.67
N THR A 227 -22.49 -4.53 4.21
CA THR A 227 -22.18 -4.29 2.83
C THR A 227 -20.85 -3.60 2.85
N PHE A 228 -20.01 -3.93 1.88
CA PHE A 228 -18.64 -3.37 1.80
C PHE A 228 -18.50 -2.31 0.73
N TYR A 229 -17.84 -1.22 1.09
CA TYR A 229 -17.56 -0.11 0.21
C TYR A 229 -16.04 0.04 0.22
N ILE A 230 -15.41 -0.38 -0.87
CA ILE A 230 -13.97 -0.50 -0.94
C ILE A 230 -13.34 0.29 -2.08
N VAL A 231 -12.31 1.08 -1.75
CA VAL A 231 -11.53 1.82 -2.75
C VAL A 231 -10.12 1.24 -2.77
N PRO A 232 -9.81 0.42 -3.78
CA PRO A 232 -8.51 -0.24 -3.84
C PRO A 232 -7.36 0.68 -4.09
N ASN A 233 -7.58 1.79 -4.77
CA ASN A 233 -6.51 2.73 -5.04
C ASN A 233 -6.95 4.22 -4.94
N MSE A 234 -6.68 4.81 -3.78
CA MSE A 234 -7.02 6.18 -3.48
C MSE A 234 -6.18 7.18 -4.28
O MSE A 234 -6.64 8.32 -4.48
CB MSE A 234 -6.81 6.42 -2.01
CG MSE A 234 -7.91 5.87 -1.12
SE MSE A 234 -9.60 6.87 -1.32
CE MSE A 234 -8.97 8.71 -0.94
N ASN A 235 -5.01 6.76 -4.79
CA ASN A 235 -4.09 7.67 -5.47
C ASN A 235 -3.53 7.11 -6.76
N PRO A 236 -4.38 6.98 -7.78
CA PRO A 236 -3.96 6.46 -9.06
C PRO A 236 -2.87 7.28 -9.75
N ASP A 237 -2.96 8.60 -9.66
CA ASP A 237 -1.96 9.44 -10.32
C ASP A 237 -0.62 9.27 -9.62
N GLY A 238 -0.63 9.26 -8.31
CA GLY A 238 0.63 9.18 -7.59
C GLY A 238 1.31 7.85 -7.86
N SER A 239 0.49 6.83 -8.03
CA SER A 239 0.99 5.47 -8.30
C SER A 239 1.80 5.42 -9.59
N VAL A 240 1.15 5.79 -10.68
CA VAL A 240 1.77 5.73 -11.98
C VAL A 240 2.96 6.64 -12.02
N HIS A 241 2.93 7.76 -11.30
CA HIS A 241 4.05 8.73 -11.28
C HIS A 241 5.26 8.20 -10.51
N GLY A 242 5.10 7.12 -9.78
CA GLY A 242 6.21 6.63 -8.97
C GLY A 242 6.52 7.52 -7.78
N ASN A 243 5.47 8.09 -7.18
CA ASN A 243 5.57 8.87 -5.96
C ASN A 243 5.44 7.93 -4.79
N LEU A 244 5.89 8.41 -3.62
CA LEU A 244 5.73 7.69 -2.39
C LEU A 244 4.46 8.15 -1.67
N ARG A 245 4.34 9.45 -1.51
CA ARG A 245 3.43 10.03 -0.54
C ARG A 245 2.40 11.04 -1.04
N THR A 246 2.53 11.50 -2.28
CA THR A 246 1.67 12.54 -2.79
C THR A 246 1.05 12.25 -4.13
N ASN A 247 -0.01 12.97 -4.41
CA ASN A 247 -0.71 12.85 -5.66
C ASN A 247 0.00 13.67 -6.72
N ALA A 248 -0.61 13.79 -7.89
CA ALA A 248 0.05 14.51 -8.98
C ALA A 248 0.19 15.99 -8.64
N ALA A 249 -0.66 16.53 -7.77
CA ALA A 249 -0.63 17.97 -7.43
C ALA A 249 0.28 18.29 -6.24
N GLY A 250 0.87 17.29 -5.61
CA GLY A 250 1.75 17.52 -4.46
C GLY A 250 1.04 17.35 -3.14
N ALA A 251 -0.25 16.97 -3.15
CA ALA A 251 -1.04 16.86 -1.93
C ALA A 251 -0.78 15.52 -1.25
N ASN A 252 -0.71 15.55 0.09
CA ASN A 252 -0.68 14.35 0.89
C ASN A 252 -2.16 14.06 1.18
N LEU A 253 -2.70 13.05 0.53
CA LEU A 253 -4.13 12.79 0.63
C LEU A 253 -4.58 12.58 2.07
N ASN A 254 -3.69 12.07 2.91
CA ASN A 254 -4.07 11.78 4.28
C ASN A 254 -3.88 12.96 5.21
N ARG A 255 -3.68 14.15 4.64
CA ARG A 255 -3.82 15.40 5.38
C ARG A 255 -4.96 16.26 4.81
N GLU A 256 -5.75 15.68 3.91
CA GLU A 256 -6.79 16.42 3.19
C GLU A 256 -8.25 16.18 3.66
N TRP A 257 -8.43 15.44 4.75
CA TRP A 257 -9.77 15.03 5.15
C TRP A 257 -10.63 16.12 5.79
N MSE A 258 -10.02 17.23 6.17
CA MSE A 258 -10.78 18.38 6.73
C MSE A 258 -11.18 19.39 5.69
O MSE A 258 -12.23 19.98 5.80
CB MSE A 258 -9.98 19.10 7.79
CG MSE A 258 -9.86 18.32 9.05
SE MSE A 258 -11.49 18.51 10.10
CE MSE A 258 -11.33 20.38 10.78
N GLU A 259 -10.29 19.65 4.73
CA GLU A 259 -10.58 20.52 3.59
C GLU A 259 -10.07 20.03 2.26
N PRO A 260 -10.71 18.99 1.74
CA PRO A 260 -10.42 18.49 0.43
C PRO A 260 -10.77 19.55 -0.61
N ASP A 261 -10.11 19.53 -1.76
CA ASP A 261 -10.25 20.57 -2.75
C ASP A 261 -10.38 19.95 -4.13
N ALA A 262 -11.27 20.50 -4.95
CA ALA A 262 -11.53 19.97 -6.30
C ALA A 262 -10.30 19.95 -7.21
N GLU A 263 -9.38 20.90 -7.03
CA GLU A 263 -8.18 21.01 -7.88
C GLU A 263 -6.93 20.36 -7.32
N ARG A 264 -6.80 20.33 -6.01
CA ARG A 264 -5.60 19.89 -5.31
CA ARG A 264 -5.58 19.87 -5.33
C ARG A 264 -5.71 18.44 -4.82
N SER A 265 -6.90 18.07 -4.36
CA SER A 265 -7.13 16.75 -3.78
C SER A 265 -8.52 16.20 -4.11
N PRO A 266 -8.86 16.17 -5.40
CA PRO A 266 -10.17 15.65 -5.78
C PRO A 266 -10.40 14.20 -5.31
N GLU A 267 -9.32 13.43 -5.23
CA GLU A 267 -9.41 12.02 -4.82
C GLU A 267 -10.13 11.89 -3.47
N VAL A 268 -9.80 12.78 -2.54
CA VAL A 268 -10.39 12.74 -1.19
C VAL A 268 -11.73 13.48 -1.22
N LEU A 269 -11.84 14.57 -2.00
CA LEU A 269 -13.12 15.23 -2.18
C LEU A 269 -14.22 14.22 -2.52
N VAL A 270 -14.03 13.47 -3.61
CA VAL A 270 -15.11 12.60 -4.09
C VAL A 270 -15.36 11.42 -3.16
N VAL A 271 -14.30 10.88 -2.56
CA VAL A 271 -14.49 9.75 -1.65
C VAL A 271 -15.14 10.21 -0.38
N ARG A 272 -14.65 11.29 0.20
CA ARG A 272 -15.30 11.77 1.42
C ARG A 272 -16.75 12.13 1.15
N ASP A 273 -17.07 12.71 -0.01
CA ASP A 273 -18.50 12.99 -0.31
C ASP A 273 -19.32 11.70 -0.30
N ALA A 274 -18.77 10.61 -0.86
CA ALA A 274 -19.49 9.33 -0.88
C ALA A 274 -19.69 8.78 0.52
N ILE A 275 -18.67 8.86 1.38
CA ILE A 275 -18.85 8.31 2.73
C ILE A 275 -19.92 9.15 3.44
N HIS A 276 -19.89 10.45 3.25
CA HIS A 276 -20.90 11.28 3.85
C HIS A 276 -22.28 10.93 3.26
N ALA A 277 -22.37 10.68 1.96
CA ALA A 277 -23.71 10.47 1.38
C ALA A 277 -24.26 9.05 1.67
N ILE A 278 -23.40 8.11 2.02
CA ILE A 278 -23.84 6.74 2.20
C ILE A 278 -23.96 6.34 3.66
N GLY A 279 -23.03 6.80 4.48
CA GLY A 279 -22.97 6.41 5.86
C GLY A 279 -21.84 5.42 6.06
N CYS A 280 -21.53 5.16 7.33
CA CYS A 280 -20.39 4.38 7.66
C CYS A 280 -20.47 3.85 9.08
N ASP A 281 -20.23 2.55 9.25
CA ASP A 281 -20.27 1.89 10.57
C ASP A 281 -18.96 1.22 11.00
N LEU A 282 -18.05 0.91 10.07
CA LEU A 282 -16.67 0.47 10.38
C LEU A 282 -15.78 1.05 9.30
N PHE A 283 -14.64 1.59 9.66
CA PHE A 283 -13.76 2.20 8.67
C PHE A 283 -12.32 1.71 8.82
N PHE A 284 -11.68 1.38 7.70
CA PHE A 284 -10.27 0.94 7.71
C PHE A 284 -9.51 1.69 6.62
N ASP A 285 -8.34 2.24 6.96
CA ASP A 285 -7.46 2.95 6.05
C ASP A 285 -6.18 2.13 5.97
N ILE A 286 -5.94 1.52 4.82
CA ILE A 286 -4.81 0.61 4.67
C ILE A 286 -3.56 1.33 4.18
N HIS A 287 -2.45 1.11 4.88
CA HIS A 287 -1.21 1.83 4.67
C HIS A 287 0.02 0.93 4.77
N GLY A 288 1.18 1.50 4.45
CA GLY A 288 2.47 0.88 4.72
C GLY A 288 3.38 1.82 5.53
N ASP A 289 4.21 1.23 6.42
CA ASP A 289 5.17 1.97 7.20
C ASP A 289 6.59 1.60 6.81
N GLU A 290 7.36 2.62 6.52
CA GLU A 290 8.72 2.47 6.04
C GLU A 290 9.68 1.94 7.11
N ASP A 291 9.49 2.40 8.35
CA ASP A 291 10.44 2.13 9.40
C ASP A 291 10.20 0.84 10.19
N LEU A 292 9.02 0.68 10.77
CA LEU A 292 8.75 -0.49 11.62
C LEU A 292 8.57 -1.80 10.84
N PRO A 293 9.29 -2.84 11.27
CA PRO A 293 9.14 -4.14 10.67
C PRO A 293 8.05 -4.94 11.42
N TYR A 294 6.85 -4.38 11.49
CA TYR A 294 5.73 -5.05 12.14
C TYR A 294 4.46 -4.63 11.47
N VAL A 295 3.45 -5.49 11.59
CA VAL A 295 2.11 -5.18 11.16
C VAL A 295 1.41 -4.64 12.41
N PHE A 296 0.78 -3.47 12.29
CA PHE A 296 0.13 -2.85 13.44
C PHE A 296 -1.04 -1.92 13.06
N ALA A 297 -1.88 -1.61 14.05
CA ALA A 297 -3.05 -0.77 13.85
C ALA A 297 -2.90 0.46 14.75
N ALA A 298 -3.47 1.58 14.31
CA ALA A 298 -3.55 2.79 15.12
C ALA A 298 -4.98 3.29 15.08
N GLY A 299 -5.54 3.58 16.25
CA GLY A 299 -6.92 4.10 16.40
C GLY A 299 -6.97 5.52 16.94
N SER A 300 -8.08 5.91 17.55
CA SER A 300 -8.23 7.30 18.01
C SER A 300 -8.28 7.46 19.53
N GLU A 301 -7.83 6.44 20.24
CA GLU A 301 -7.88 6.46 21.71
C GLU A 301 -7.18 7.68 22.33
N MSE A 302 -6.09 8.12 21.71
CA MSE A 302 -5.31 9.29 22.16
C MSE A 302 -5.93 10.58 21.67
O MSE A 302 -5.23 11.45 21.19
CB MSE A 302 -3.86 9.19 21.63
CG MSE A 302 -3.70 8.44 20.24
SE MSE A 302 -4.85 8.91 18.65
CE MSE A 302 -3.95 10.67 18.21
N LEU A 303 -7.25 10.71 21.78
CA LEU A 303 -7.96 11.90 21.31
C LEU A 303 -9.16 12.13 22.18
N PRO A 304 -9.42 13.41 22.48
CA PRO A 304 -10.64 13.58 23.28
C PRO A 304 -11.88 13.39 22.39
N GLY A 305 -12.96 12.96 23.02
CA GLY A 305 -14.19 12.60 22.31
C GLY A 305 -14.26 11.11 22.04
N PHE A 306 -13.30 10.36 22.59
CA PHE A 306 -13.22 8.93 22.41
C PHE A 306 -13.95 8.27 23.57
N THR A 307 -15.15 7.76 23.29
CA THR A 307 -16.03 7.19 24.33
C THR A 307 -15.51 5.88 24.93
N GLU A 308 -16.07 5.49 26.06
CA GLU A 308 -15.72 4.21 26.68
C GLU A 308 -16.22 3.03 25.84
N GLN A 309 -17.41 3.11 25.22
CA GLN A 309 -17.86 1.98 24.37
C GLN A 309 -16.96 1.88 23.11
N GLN A 310 -16.33 2.99 22.70
CA GLN A 310 -15.34 2.97 21.60
C GLN A 310 -14.07 2.25 21.99
N ARG A 311 -13.60 2.46 23.23
CA ARG A 311 -12.42 1.76 23.76
C ARG A 311 -12.74 0.26 23.77
N VAL A 312 -13.94 -0.07 24.25
CA VAL A 312 -14.37 -1.45 24.32
C VAL A 312 -14.39 -2.16 22.94
N GLU A 313 -14.96 -1.50 21.93
CA GLU A 313 -15.03 -2.08 20.61
C GLU A 313 -13.64 -2.19 19.98
N GLN A 314 -12.86 -1.13 20.07
CA GLN A 314 -11.56 -1.12 19.47
C GLN A 314 -10.70 -2.20 20.12
N SER A 315 -10.76 -2.29 21.43
CA SER A 315 -9.99 -3.31 22.09
C SER A 315 -10.42 -4.68 21.62
N ALA A 316 -11.73 -4.91 21.55
CA ALA A 316 -12.29 -6.19 21.15
C ALA A 316 -11.85 -6.57 19.71
N PHE A 317 -11.82 -5.59 18.83
CA PHE A 317 -11.45 -5.83 17.46
C PHE A 317 -9.97 -6.15 17.35
N ILE A 318 -9.11 -5.45 18.07
CA ILE A 318 -7.67 -5.77 18.07
C ILE A 318 -7.46 -7.22 18.46
N ASP A 319 -8.20 -7.69 19.48
CA ASP A 319 -8.11 -9.11 19.85
C ASP A 319 -8.61 -10.05 18.77
N SER A 320 -9.67 -9.67 18.08
CA SER A 320 -10.18 -10.50 16.98
C SER A 320 -9.15 -10.62 15.84
N PHE A 321 -8.44 -9.52 15.57
CA PHE A 321 -7.46 -9.50 14.50
C PHE A 321 -6.23 -10.35 14.89
N LYS A 322 -5.79 -10.29 16.15
CA LYS A 322 -4.68 -11.17 16.58
C LYS A 322 -5.03 -12.65 16.40
N ARG A 323 -6.28 -12.96 16.65
CA ARG A 323 -6.80 -14.28 16.49
C ARG A 323 -7.00 -14.65 14.99
N ALA A 324 -7.19 -13.68 14.12
CA ALA A 324 -7.34 -13.96 12.69
C ALA A 324 -5.99 -14.18 11.99
N SER A 325 -4.93 -13.49 12.44
CA SER A 325 -3.62 -13.61 11.81
C SER A 325 -2.46 -13.44 12.74
N PRO A 326 -1.56 -14.40 12.75
CA PRO A 326 -0.34 -14.24 13.51
C PRO A 326 0.52 -13.07 13.08
N ASP A 327 0.46 -12.66 11.82
CA ASP A 327 1.26 -11.53 11.39
C ASP A 327 0.86 -10.28 12.15
N PHE A 328 -0.42 -10.12 12.43
CA PHE A 328 -0.87 -8.98 13.17
C PHE A 328 -0.44 -9.02 14.66
N GLN A 329 -0.05 -7.87 15.20
CA GLN A 329 0.38 -7.72 16.61
C GLN A 329 0.04 -6.33 17.16
N ASP A 330 0.10 -6.18 18.49
CA ASP A 330 -0.24 -4.90 19.15
CA ASP A 330 -0.21 -4.88 19.14
C ASP A 330 0.86 -4.46 20.14
N GLU A 331 2.03 -5.11 20.10
CA GLU A 331 3.08 -4.74 21.06
C GLU A 331 3.86 -3.52 20.58
N HIS A 332 4.31 -3.58 19.32
CA HIS A 332 5.01 -2.49 18.66
C HIS A 332 4.06 -1.67 17.81
N GLY A 333 4.42 -0.41 17.69
CA GLY A 333 3.63 0.55 16.95
C GLY A 333 4.18 1.92 17.27
N TYR A 334 3.46 2.96 16.90
CA TYR A 334 3.91 4.31 17.15
C TYR A 334 3.36 4.88 18.44
N PRO A 335 4.06 5.88 19.00
CA PRO A 335 3.60 6.50 20.25
C PRO A 335 2.34 7.32 20.01
N PRO A 336 1.58 7.60 21.07
CA PRO A 336 0.23 8.20 20.91
C PRO A 336 0.20 9.57 20.21
N GLY A 337 1.08 10.48 20.59
CA GLY A 337 1.13 11.81 19.99
C GLY A 337 1.93 11.88 18.70
N LYS A 338 1.91 10.82 17.89
CA LYS A 338 2.64 10.83 16.62
C LYS A 338 2.02 11.87 15.71
N TYR A 339 0.70 11.97 15.72
CA TYR A 339 0.07 12.99 14.90
C TYR A 339 -0.99 13.72 15.68
N ARG A 340 -0.78 13.98 16.96
CA ARG A 340 -1.74 14.79 17.71
C ARG A 340 -1.84 16.17 17.03
N GLU A 341 -0.75 16.64 16.38
CA GLU A 341 -0.72 17.98 15.74
C GLU A 341 -1.68 18.06 14.54
N ASP A 342 -1.55 17.13 13.62
CA ASP A 342 -2.42 17.05 12.43
C ASP A 342 -3.88 16.64 12.70
N ALA A 343 -4.18 16.23 13.92
CA ALA A 343 -5.53 15.95 14.36
C ALA A 343 -6.42 15.20 13.36
N PHE A 344 -7.48 15.89 12.93
CA PHE A 344 -8.52 15.32 12.12
C PHE A 344 -8.31 15.44 10.63
N LYS A 345 -7.10 15.80 10.22
CA LYS A 345 -6.76 15.84 8.79
C LYS A 345 -6.54 14.44 8.26
N LEU A 346 -6.30 13.49 9.18
CA LEU A 346 -6.10 12.07 8.85
C LEU A 346 -7.44 11.34 8.76
N ALA A 347 -7.58 10.47 7.75
CA ALA A 347 -8.84 9.80 7.42
C ALA A 347 -9.43 9.06 8.59
N SER A 348 -8.67 8.22 9.26
CA SER A 348 -9.30 7.41 10.31
C SER A 348 -9.72 8.27 11.50
N LYS A 349 -8.94 9.30 11.80
CA LYS A 349 -9.27 10.18 12.90
C LYS A 349 -10.57 10.95 12.56
N TYR A 350 -10.64 11.46 11.34
CA TYR A 350 -11.81 12.17 10.89
C TYR A 350 -13.07 11.32 10.89
N ILE A 351 -12.99 10.13 10.31
CA ILE A 351 -14.17 9.26 10.18
C ILE A 351 -14.63 8.87 11.58
N GLY A 352 -13.66 8.51 12.42
CA GLY A 352 -13.94 8.15 13.79
C GLY A 352 -14.78 9.21 14.46
N HIS A 353 -14.39 10.45 14.25
CA HIS A 353 -15.05 11.56 14.91
C HIS A 353 -16.39 11.87 14.29
N ARG A 354 -16.49 11.89 12.98
CA ARG A 354 -17.76 12.16 12.36
C ARG A 354 -18.81 11.07 12.63
N PHE A 355 -18.40 9.81 12.69
CA PHE A 355 -19.35 8.72 12.76
C PHE A 355 -19.35 7.96 14.07
N GLY A 356 -18.35 8.18 14.92
CA GLY A 356 -18.28 7.45 16.18
C GLY A 356 -18.22 5.94 16.07
N CYS A 357 -17.70 5.44 14.98
CA CYS A 357 -17.60 4.01 14.80
C CYS A 357 -16.16 3.56 14.98
N LEU A 358 -15.95 2.26 14.89
CA LEU A 358 -14.60 1.72 14.88
C LEU A 358 -13.94 2.24 13.62
N SER A 359 -12.78 2.86 13.79
CA SER A 359 -12.05 3.48 12.71
C SER A 359 -10.56 3.27 12.94
N LEU A 360 -9.88 2.59 12.06
CA LEU A 360 -8.49 2.23 12.31
C LEU A 360 -7.65 2.44 11.08
N THR A 361 -6.38 2.73 11.30
CA THR A 361 -5.37 2.71 10.26
C THR A 361 -4.66 1.38 10.43
N LEU A 362 -4.45 0.65 9.35
CA LEU A 362 -3.72 -0.61 9.40
C LEU A 362 -2.44 -0.40 8.59
N GLU A 363 -1.35 -0.85 9.17
CA GLU A 363 -0.07 -0.50 8.65
C GLU A 363 0.76 -1.78 8.44
N MSE A 364 1.31 -1.97 7.24
CA MSE A 364 2.16 -3.14 6.95
C MSE A 364 3.58 -2.70 6.58
O MSE A 364 3.77 -1.65 5.99
CB MSE A 364 1.58 -3.95 5.80
CG MSE A 364 0.31 -4.69 6.10
SE MSE A 364 -0.52 -5.31 4.42
CE MSE A 364 -1.47 -3.65 3.89
N PRO A 365 4.59 -3.56 6.82
CA PRO A 365 5.97 -3.14 6.65
C PRO A 365 6.53 -3.19 5.24
N PHE A 366 7.43 -2.27 4.94
CA PHE A 366 8.18 -2.29 3.67
C PHE A 366 9.37 -3.27 3.86
N LYS A 367 9.77 -3.52 5.11
CA LYS A 367 10.93 -4.40 5.38
C LYS A 367 10.51 -5.85 5.42
N ASP A 368 10.02 -6.28 6.59
CA ASP A 368 9.55 -7.63 6.83
C ASP A 368 8.76 -7.61 8.15
N ASN A 369 8.09 -8.71 8.47
CA ASN A 369 7.56 -8.90 9.80
C ASN A 369 8.69 -9.53 10.58
N ALA A 370 9.34 -8.73 11.44
CA ALA A 370 10.44 -9.18 12.27
C ALA A 370 10.06 -10.39 13.12
N ASN A 371 8.79 -10.51 13.51
CA ASN A 371 8.35 -11.70 14.26
C ASN A 371 8.39 -12.98 13.41
N LEU A 372 8.05 -12.87 12.12
CA LEU A 372 7.92 -14.01 11.20
C LEU A 372 8.60 -13.67 9.90
N PRO A 373 9.91 -13.58 9.91
CA PRO A 373 10.65 -13.13 8.73
C PRO A 373 10.74 -14.15 7.64
N ASP A 374 11.08 -13.71 6.43
CA ASP A 374 11.27 -14.58 5.31
C ASP A 374 12.40 -14.02 4.47
N GLU A 375 13.53 -14.70 4.44
CA GLU A 375 14.75 -14.16 3.80
C GLU A 375 14.46 -13.92 2.32
N HIS A 376 13.80 -14.85 1.66
CA HIS A 376 13.57 -14.76 0.21
C HIS A 376 12.69 -13.57 -0.27
N ILE A 377 11.63 -13.26 0.45
CA ILE A 377 10.64 -12.26 0.01
C ILE A 377 10.38 -11.05 0.96
N GLY A 378 10.79 -11.14 2.23
CA GLY A 378 10.39 -10.15 3.24
C GLY A 378 8.86 -10.07 3.29
N TRP A 379 8.32 -8.86 3.51
CA TRP A 379 6.88 -8.65 3.37
C TRP A 379 6.66 -8.46 1.86
N ASN A 380 5.55 -8.96 1.33
CA ASN A 380 5.30 -8.87 -0.10
C ASN A 380 3.82 -8.88 -0.43
N GLY A 381 3.49 -8.94 -1.72
CA GLY A 381 2.11 -8.90 -2.14
C GLY A 381 1.30 -10.07 -1.57
N ALA A 382 1.87 -11.28 -1.59
CA ALA A 382 1.12 -12.49 -1.21
C ALA A 382 0.73 -12.45 0.26
N ARG A 383 1.71 -12.00 1.09
CA ARG A 383 1.49 -11.88 2.53
C ARG A 383 0.48 -10.78 2.83
N SER A 384 0.53 -9.68 2.10
CA SER A 384 -0.46 -8.62 2.27
C SER A 384 -1.85 -9.13 1.90
N ALA A 385 -1.94 -9.84 0.77
CA ALA A 385 -3.21 -10.40 0.32
C ALA A 385 -3.77 -11.40 1.34
N SER A 386 -2.90 -12.18 1.96
CA SER A 386 -3.37 -13.13 2.99
C SER A 386 -3.91 -12.41 4.23
N LEU A 387 -3.23 -11.34 4.64
CA LEU A 387 -3.66 -10.55 5.78
C LEU A 387 -5.04 -9.95 5.48
N GLY A 388 -5.23 -9.51 4.25
CA GLY A 388 -6.54 -8.94 3.84
C GLY A 388 -7.66 -9.96 3.95
N ALA A 389 -7.42 -11.14 3.38
CA ALA A 389 -8.38 -12.20 3.48
C ALA A 389 -8.64 -12.57 4.95
N ALA A 390 -7.60 -12.57 5.78
CA ALA A 390 -7.73 -12.99 7.19
C ALA A 390 -8.56 -11.99 7.99
N MSE A 391 -8.43 -10.72 7.66
CA MSE A 391 -9.18 -9.70 8.38
C MSE A 391 -10.70 -9.85 8.24
O MSE A 391 -11.44 -9.42 9.14
CB MSE A 391 -8.72 -8.28 7.97
CG MSE A 391 -9.18 -7.25 9.00
SE MSE A 391 -8.53 -5.46 8.61
CE MSE A 391 -9.84 -4.82 7.23
N LEU A 392 -11.17 -10.43 7.14
CA LEU A 392 -12.65 -10.68 7.07
C LEU A 392 -13.13 -11.51 8.27
N GLY A 393 -12.27 -12.40 8.74
CA GLY A 393 -12.62 -13.22 9.90
C GLY A 393 -12.83 -12.36 11.12
N ALA A 394 -11.94 -11.38 11.31
CA ALA A 394 -12.04 -10.49 12.45
C ALA A 394 -13.32 -9.62 12.31
N ILE A 395 -13.65 -9.18 11.11
CA ILE A 395 -14.87 -8.38 10.94
C ILE A 395 -16.13 -9.21 11.26
N LEU A 396 -16.13 -10.50 10.91
CA LEU A 396 -17.30 -11.36 11.20
C LEU A 396 -17.46 -11.49 12.71
N GLU A 397 -16.37 -11.74 13.42
CA GLU A 397 -16.44 -11.76 14.87
C GLU A 397 -17.02 -10.46 15.42
N HIS A 398 -16.49 -9.33 14.97
CA HIS A 398 -16.85 -8.04 15.51
C HIS A 398 -18.32 -7.74 15.32
N VAL A 399 -18.76 -7.91 14.10
CA VAL A 399 -20.12 -7.67 13.72
C VAL A 399 -21.10 -8.56 14.48
N ARG A 400 -20.72 -9.81 14.74
CA ARG A 400 -21.53 -10.68 15.61
C ARG A 400 -21.57 -10.14 17.05
N ALA A 401 -20.42 -9.75 17.59
CA ALA A 401 -20.31 -9.26 18.97
C ALA A 401 -20.97 -7.91 19.22
N PHE A 402 -21.19 -7.09 18.19
CA PHE A 402 -21.82 -5.79 18.35
C PHE A 402 -22.86 -5.60 17.24
CL CL B . 0.84 -8.73 20.15
CL CL C . 11.87 8.50 -13.48
CL CL D . -0.33 9.76 7.31
CL CL E . -24.44 9.77 9.69
C1 GOL F . -10.27 0.52 -13.95
O1 GOL F . -10.99 -0.02 -15.01
C2 GOL F . -11.21 1.33 -13.15
O2 GOL F . -10.58 1.74 -11.95
C3 GOL F . -12.45 0.39 -13.06
O3 GOL F . -13.33 0.66 -14.16
#